data_7WUV
#
_entry.id   7WUV
#
_entity_poly.entity_id   1
_entity_poly.type   'polypeptide(L)'
_entity_poly.pdbx_seq_one_letter_code
;PESPSKLASAIQKAHEEGICGIRSVTRLENLMWKQITPELNHILTENEVKLTIMTGDIKGIMQAGKRSLRPQPTELKYSW
KAWGKAKMLSTELHNHTFLIDGPETAECPNTNRAWNSLEVEDYGFGVFTTNIWLKLKERQDVFCDSKLMSAAIKDNRAVH
ADMGYWIESALNDTWKIEKASFIEVKSCHWPKSHTLWSNGVLESEMIIPKNFAGPVSQHNYRPGYHTQTAGPWHLGRLEM
DFDFCEGTTVVVTEDCGNRGPSLRTTTASGKLITEWCCRSCTLPPLRYRGEDGCWYGMEIRPLKEK
;
_entity_poly.pdbx_strand_id   A,B,C,D,E,F
#
# COMPACT_ATOMS: atom_id res chain seq x y z
CA PRO A 1 32.61 -6.08 18.12
CA GLU A 2 32.94 -9.26 20.16
CA SER A 3 33.77 -9.20 23.88
CA PRO A 4 36.29 -6.59 25.09
CA SER A 5 38.13 -9.46 26.77
CA LYS A 6 38.66 -10.93 23.31
CA LEU A 7 40.00 -7.63 21.99
CA ALA A 8 42.18 -7.24 25.09
CA SER A 9 43.67 -10.72 24.70
CA ALA A 10 44.25 -10.02 21.01
CA ILE A 11 45.98 -6.67 21.57
CA GLN A 12 48.32 -7.74 24.37
CA LYS A 13 49.16 -11.11 22.79
CA ALA A 14 49.85 -9.37 19.48
CA HIS A 15 52.06 -6.91 21.35
CA GLU A 16 53.92 -9.96 22.61
CA GLU A 17 53.97 -10.90 18.90
CA GLY A 18 55.47 -7.47 18.13
CA ILE A 19 52.42 -5.65 16.74
CA CYS A 20 52.90 -1.91 17.30
CA GLY A 21 49.83 -0.42 15.63
CA ILE A 22 46.69 -0.90 13.56
CA ARG A 23 45.48 0.69 10.31
CA SER A 24 41.80 1.03 9.43
CA VAL A 25 40.60 -0.28 6.08
CA THR A 26 37.64 2.13 6.03
CA ARG A 27 36.81 5.48 7.63
CA LEU A 28 34.08 4.02 9.85
CA GLU A 29 36.49 1.46 11.27
CA ASN A 30 38.70 4.28 12.55
CA LEU A 31 35.54 5.87 13.93
CA MET A 32 35.09 2.59 15.81
CA TRP A 33 38.70 2.96 16.96
CA LYS A 34 38.07 6.47 18.27
CA GLN A 35 35.05 5.05 20.11
CA ILE A 36 36.88 2.00 21.50
CA THR A 37 40.60 2.66 22.11
CA PRO A 38 40.23 4.22 25.62
CA GLU A 39 38.24 1.12 26.61
CA LEU A 40 41.11 -0.97 25.22
CA ASN A 41 43.48 1.01 27.44
CA HIS A 42 41.24 0.46 30.46
CA ILE A 43 40.96 -3.29 29.88
CA LEU A 44 44.72 -3.54 29.28
CA THR A 45 45.30 -1.83 32.64
CA GLU A 46 42.82 -4.27 34.19
CA ASN A 47 44.85 -7.08 32.56
CA GLU A 48 48.22 -5.89 33.96
CA VAL A 49 49.92 -5.91 30.56
CA LYS A 50 52.01 -2.76 30.04
CA LEU A 51 50.49 -1.11 26.98
CA THR A 52 48.67 2.13 26.14
CA ILE A 53 46.57 2.51 22.97
CA MET A 54 46.07 5.82 21.15
CA THR A 55 43.84 6.15 18.08
CA GLY A 56 44.19 8.73 15.31
CA ASP A 57 42.31 10.12 12.33
CA ILE A 58 42.06 8.78 8.78
CA LYS A 59 42.65 10.40 5.39
CA GLY A 60 42.21 8.90 1.94
CA ILE A 61 43.87 6.95 0.72
CA MET A 62 43.39 4.69 3.73
CA GLN A 63 46.77 2.98 3.94
CA ALA A 64 46.75 -0.80 4.36
CA GLY A 65 48.59 -2.79 6.99
CA LYS A 66 50.01 -6.29 6.56
CA ARG A 67 49.09 -8.25 9.72
CA SER A 68 45.65 -9.22 11.00
CA LEU A 69 44.37 -10.02 14.48
CA ARG A 70 44.29 -13.80 14.63
CA PRO A 71 43.00 -15.78 17.63
CA GLN A 72 44.07 -16.98 20.24
CA PRO A 73 40.35 -16.99 21.08
CA THR A 74 41.06 -17.92 24.72
CA GLU A 75 40.33 -14.41 25.98
CA LEU A 76 41.19 -12.92 29.35
CA LYS A 77 39.38 -13.85 32.56
CA TYR A 78 40.64 -10.57 34.11
CA SER A 79 38.08 -8.48 32.21
CA TRP A 80 34.46 -7.41 32.49
CA LYS A 81 31.74 -9.14 30.45
CA ALA A 82 29.89 -6.84 28.03
CA TRP A 83 30.99 -3.83 25.96
CA GLY A 84 28.99 -1.53 28.21
CA LYS A 85 30.89 -0.75 31.39
CA ALA A 86 30.06 2.67 32.81
CA LYS A 87 32.08 5.27 34.69
CA MET A 88 35.28 4.07 33.02
CA LEU A 89 38.47 4.94 34.90
CA SER A 90 41.00 6.92 32.87
CA THR A 91 44.27 5.19 32.02
CA GLU A 92 47.90 6.31 32.19
CA LEU A 93 50.56 6.29 29.48
CA HIS A 94 52.97 3.35 29.38
CA ASN A 95 56.39 3.27 27.78
CA HIS A 96 54.82 0.60 25.57
CA THR A 97 52.58 2.63 23.26
CA PHE A 98 50.16 0.98 20.84
CA LEU A 99 48.97 3.29 18.12
CA ILE A 100 45.97 3.03 15.81
CA ASP A 101 45.28 4.24 12.25
CA GLY A 102 46.50 7.79 11.78
CA PRO A 103 49.42 9.89 10.51
CA GLU A 104 51.87 7.35 11.94
CA THR A 105 53.93 6.02 9.01
CA ALA A 106 57.11 7.20 10.76
CA GLU A 107 57.25 5.86 14.33
CA CYS A 108 56.36 2.31 13.28
CA PRO A 109 55.41 0.96 9.84
CA ASN A 110 52.23 -0.92 8.99
CA THR A 111 54.24 -4.15 8.71
CA ASN A 112 53.91 -4.39 12.51
CA ARG A 113 50.28 -3.32 12.21
CA ALA A 114 46.90 -4.98 11.70
CA TRP A 115 44.84 -4.96 8.51
CA ASN A 116 41.47 -6.56 7.70
CA SER A 117 41.33 -7.88 11.25
CA LEU A 118 37.58 -7.81 11.89
CA GLU A 119 34.58 -9.61 10.41
CA VAL A 120 31.03 -8.31 10.59
CA GLU A 121 29.10 -10.77 12.73
CA ASP A 122 26.98 -13.48 11.14
CA TYR A 123 23.83 -11.54 12.12
CA GLY A 124 25.59 -8.20 12.63
CA PHE A 125 23.83 -6.32 9.81
CA GLY A 126 21.03 -4.49 11.61
CA VAL A 127 19.56 -1.45 9.88
CA PHE A 128 16.91 -0.50 12.45
CA THR A 129 19.22 -1.29 15.38
CA THR A 130 22.16 1.11 15.07
CA ASN A 131 24.85 -1.37 16.12
CA ILE A 132 27.34 -3.09 13.80
CA TRP A 133 28.41 -6.39 15.35
CA LEU A 134 31.87 -7.70 14.51
CA LYS A 135 34.14 -10.61 15.36
CA LEU A 136 37.84 -10.45 14.66
CA LYS A 137 38.82 -12.33 11.52
CA GLU A 138 40.12 -15.80 12.38
CA ARG A 139 41.63 -15.91 8.86
CA GLN A 140 43.85 -13.51 6.98
CA ASP A 141 41.99 -11.93 4.09
CA VAL A 142 42.55 -9.37 1.34
CA PHE A 143 39.11 -8.92 -0.26
CA CYS A 144 36.58 -6.37 0.91
CA ASP A 145 33.87 -7.91 3.09
CA SER A 146 31.30 -9.55 0.82
CA LYS A 147 28.92 -9.50 3.80
CA LEU A 148 27.76 -6.01 2.70
CA MET A 149 28.46 -5.20 -0.93
CA SER A 150 26.18 -5.32 -3.98
CA ALA A 151 26.26 -5.59 -7.76
CA ALA A 152 23.31 -5.80 -10.14
CA ILE A 153 22.60 -5.04 -13.78
CA LYS A 154 19.32 -3.63 -15.11
CA ASP A 155 18.97 -2.89 -18.82
CA ASN A 156 21.04 0.31 -18.92
CA ARG A 157 23.12 0.30 -15.77
CA ALA A 158 25.24 -1.98 -13.61
CA VAL A 159 26.69 -0.36 -10.49
CA HIS A 160 29.43 -1.67 -8.22
CA ALA A 161 29.16 -0.12 -4.80
CA ASP A 162 29.93 -0.43 -1.10
CA MET A 163 29.83 2.00 1.82
CA GLY A 164 32.65 4.02 0.23
CA TYR A 165 32.24 3.50 -3.53
CA TRP A 166 29.39 3.96 -6.00
CA ILE A 167 31.16 2.85 -9.18
CA GLU A 168 28.62 2.84 -12.03
CA SER A 169 28.21 1.62 -15.58
CA ALA A 170 25.78 2.95 -18.18
CA LEU A 171 24.67 2.21 -21.74
CA ASN A 172 24.65 4.83 -24.48
CA ASP A 173 26.09 2.58 -27.19
CA THR A 174 28.32 0.20 -25.18
CA TRP A 175 28.68 -0.64 -21.47
CA LYS A 176 30.93 1.96 -19.83
CA ILE A 177 31.36 4.01 -16.67
CA GLU A 178 29.84 7.49 -16.71
CA LYS A 179 30.63 8.62 -13.16
CA ALA A 180 31.83 7.40 -9.78
CA SER A 181 31.69 8.88 -6.28
CA PHE A 182 34.39 8.53 -3.62
CA ILE A 183 33.81 9.30 0.05
CA GLU A 184 36.82 7.13 0.90
CA VAL A 185 39.59 5.23 -0.91
CA LYS A 186 40.13 1.76 0.54
CA SER A 187 42.88 -0.65 -0.56
CA CYS A 188 40.98 -3.95 -0.35
CA HIS A 189 40.57 -5.83 -3.63
CA TRP A 190 37.03 -6.46 -4.79
CA PRO A 191 36.16 -10.19 -4.62
CA LYS A 192 34.56 -11.93 -7.58
CA SER A 193 31.58 -12.69 -5.32
CA HIS A 194 29.94 -9.43 -6.45
CA THR A 195 31.43 -8.81 -9.92
CA LEU A 196 29.26 -8.42 -13.01
CA TRP A 197 30.61 -9.41 -16.43
CA SER A 198 33.87 -10.44 -14.70
CA ASN A 199 35.24 -12.24 -17.76
CA GLY A 200 37.87 -10.75 -20.00
CA VAL A 201 38.70 -7.98 -17.55
CA LEU A 202 41.23 -5.54 -19.04
CA GLU A 203 43.38 -3.65 -16.55
CA SER A 204 44.44 -1.32 -19.39
CA GLU A 205 40.85 -0.13 -19.77
CA MET A 206 39.72 -0.63 -16.17
CA ILE A 207 39.51 2.99 -15.01
CA ILE A 208 39.91 2.49 -11.25
CA PRO A 209 42.87 0.31 -10.23
CA LYS A 210 41.72 -2.84 -8.47
CA ASN A 211 44.18 -1.81 -5.73
CA PHE A 212 41.70 0.99 -4.98
CA ALA A 213 38.78 -1.45 -4.57
CA GLY A 214 38.06 -1.33 -8.28
CA PRO A 215 35.48 -3.87 -9.44
CA VAL A 216 36.93 -6.75 -11.44
CA SER A 217 34.74 -6.27 -14.52
CA GLN A 218 34.57 -4.63 -17.94
CA HIS A 219 31.91 -2.08 -16.87
CA ASN A 220 34.64 0.32 -15.65
CA TYR A 221 36.31 0.76 -19.06
CA ARG A 222 36.50 3.54 -21.63
CA PRO A 223 37.88 3.38 -25.19
CA GLY A 224 41.19 5.22 -25.23
CA TYR A 225 41.23 5.40 -21.42
CA HIS A 226 43.25 3.09 -19.21
CA THR A 227 43.96 2.53 -15.53
CA GLN A 228 44.13 5.68 -13.43
CA THR A 229 47.06 4.42 -11.39
CA ALA A 230 48.24 7.68 -9.79
CA GLY A 231 45.48 10.21 -10.38
CA PRO A 232 44.10 12.49 -7.67
CA TRP A 233 43.65 9.46 -5.41
CA HIS A 234 45.32 11.44 -2.60
CA LEU A 235 41.95 13.14 -2.12
CA GLY A 236 39.26 11.41 -0.11
CA ARG A 237 36.69 12.82 -2.53
CA LEU A 238 36.67 12.23 -6.28
CA GLU A 239 33.72 12.70 -8.65
CA MET A 240 34.72 11.12 -11.96
CA ASP A 241 32.22 12.34 -14.52
CA PHE A 242 32.56 12.53 -18.31
CA ASP A 243 32.60 16.23 -19.22
CA PHE A 244 34.99 19.14 -19.22
CA CYS A 245 36.08 20.84 -16.02
CA GLU A 246 34.24 24.16 -15.94
CA GLY A 247 35.98 26.82 -18.00
CA THR A 248 38.12 24.19 -19.77
CA THR A 249 38.06 22.23 -23.02
CA VAL A 250 39.52 18.82 -23.86
CA VAL A 251 40.27 18.24 -27.55
CA VAL A 252 41.31 14.92 -29.10
CA THR A 253 45.03 15.48 -29.50
CA GLU A 254 47.75 13.02 -30.55
CA ASP A 255 50.63 15.51 -30.32
CA CYS A 256 49.59 16.12 -26.72
CA GLY A 257 51.88 14.89 -23.97
CA ASN A 258 51.68 11.30 -22.83
CA ARG A 259 49.62 10.07 -19.90
CA GLY A 260 51.35 10.96 -16.64
CA PRO A 261 50.43 11.70 -13.03
CA SER A 262 47.16 13.62 -12.95
CA LEU A 263 47.09 17.42 -13.09
CA ARG A 264 44.27 19.46 -11.57
CA THR A 265 42.55 22.13 -13.63
CA THR A 266 43.76 24.55 -10.95
CA THR A 267 47.53 24.74 -10.64
CA ALA A 268 49.52 25.38 -7.49
CA SER A 269 48.87 29.11 -7.92
CA GLY A 270 45.18 28.49 -8.61
CA LYS A 271 44.79 29.58 -12.24
CA LEU A 272 42.64 27.67 -14.71
CA ILE A 273 44.05 25.51 -17.49
CA THR A 274 42.13 26.97 -20.41
CA GLU A 275 42.88 24.18 -22.88
CA TRP A 276 43.42 20.50 -22.12
CA CYS A 277 44.74 18.00 -24.65
CA CYS A 278 43.92 14.30 -24.50
CA ARG A 279 46.02 11.68 -26.24
CA SER A 280 43.18 9.18 -26.69
CA CYS A 281 40.18 10.51 -24.76
CA THR A 282 36.54 10.18 -25.77
CA LEU A 283 34.60 13.42 -25.55
CA PRO A 284 32.87 14.02 -23.17
CA PRO A 285 36.09 13.14 -21.35
CA LEU A 286 36.88 12.09 -17.79
CA ARG A 287 37.63 14.86 -15.30
CA TYR A 288 37.83 14.49 -11.54
CA ARG A 289 35.96 16.63 -9.02
CA GLY A 290 37.87 17.08 -5.77
CA GLU A 291 37.96 19.19 -2.63
CA ASP A 292 41.18 20.79 -3.93
CA GLY A 293 39.73 21.38 -7.40
CA CYS A 294 38.82 19.66 -10.67
CA TRP A 295 41.41 17.14 -11.81
CA TYR A 296 41.82 15.43 -15.21
CA GLY A 297 42.71 11.89 -16.18
CA MET A 298 45.87 10.25 -17.45
CA GLU A 299 45.39 10.72 -21.21
CA ILE A 300 44.30 14.35 -20.69
CA ARG A 301 47.09 16.90 -20.29
CA PRO A 302 47.15 20.70 -20.58
CA LEU A 303 47.39 21.66 -24.24
CA LYS A 304 50.54 23.79 -24.05
CA GLU A 305 52.06 24.06 -20.56
CA LYS A 306 54.71 21.53 -19.58
CA PRO B 1 12.48 -12.63 -32.96
CA GLU B 2 13.65 -10.05 -35.48
CA SER B 3 12.14 -9.82 -38.99
CA PRO B 4 11.26 -13.10 -40.75
CA SER B 5 13.27 -11.80 -43.70
CA LYS B 6 16.31 -11.79 -41.42
CA LEU B 7 15.62 -15.37 -40.34
CA ALA B 8 15.00 -16.38 -43.96
CA SER B 9 18.28 -14.86 -45.14
CA ALA B 10 20.07 -16.55 -42.25
CA ILE B 11 18.60 -20.00 -42.92
CA GLN B 12 19.17 -20.10 -46.68
CA LYS B 13 22.62 -18.49 -46.52
CA ALA B 14 23.60 -20.94 -43.76
CA HIS B 15 22.29 -23.76 -45.95
CA GLU B 16 24.65 -22.43 -48.61
CA GLU B 17 27.21 -22.58 -45.76
CA GLY B 18 26.26 -26.23 -45.19
CA ILE B 19 24.09 -25.91 -42.07
CA CYS B 20 21.67 -28.85 -42.00
CA GLY B 21 19.84 -28.36 -38.70
CA ILE B 22 19.44 -26.45 -35.45
CA ARG B 23 19.43 -27.55 -31.80
CA SER B 24 17.60 -25.64 -29.08
CA VAL B 25 19.50 -24.63 -25.95
CA THR B 26 16.30 -24.52 -23.86
CA ARG B 27 12.86 -26.11 -24.07
CA LEU B 28 11.09 -22.81 -24.77
CA GLU B 29 13.37 -22.15 -27.74
CA ASN B 30 12.13 -25.37 -29.36
CA LEU B 31 8.62 -24.22 -28.52
CA MET B 32 9.50 -21.10 -30.53
CA TRP B 33 10.70 -23.43 -33.29
CA LYS B 34 7.40 -25.34 -33.31
CA GLN B 35 5.67 -21.97 -33.56
CA ILE B 36 7.93 -20.58 -36.29
CA THR B 37 9.29 -23.31 -38.59
CA PRO B 38 6.26 -23.47 -40.98
CA GLU B 39 6.63 -19.69 -41.40
CA LEU B 40 10.31 -20.29 -42.20
CA ASN B 41 9.21 -22.78 -44.85
CA HIS B 42 6.74 -20.29 -46.30
CA ILE B 43 9.29 -17.47 -46.46
CA LEU B 44 11.88 -19.83 -47.97
CA THR B 45 9.38 -20.72 -50.69
CA GLU B 46 8.74 -17.00 -51.19
CA ASN B 47 12.53 -16.58 -51.49
CA GLU B 48 12.94 -19.31 -54.17
CA VAL B 49 15.67 -21.13 -52.26
CA LYS B 50 15.10 -24.90 -52.25
CA LEU B 51 14.77 -25.81 -48.57
CA THR B 52 12.09 -27.21 -46.25
CA ILE B 53 12.31 -26.84 -42.47
CA MET B 54 10.84 -29.36 -40.00
CA THR B 55 10.96 -28.85 -36.23
CA GLY B 56 10.94 -31.56 -33.59
CA ASP B 57 10.53 -32.04 -29.84
CA ILE B 58 13.09 -31.66 -27.06
CA LYS B 59 14.14 -33.97 -24.22
CA GLY B 60 16.65 -33.33 -21.45
CA ILE B 61 19.47 -33.21 -21.71
CA MET B 62 19.08 -30.58 -24.43
CA GLN B 63 21.99 -31.44 -26.72
CA ALA B 64 24.19 -28.57 -27.86
CA GLY B 65 25.14 -27.69 -31.42
CA LYS B 66 28.42 -26.12 -32.52
CA ARG B 67 27.52 -23.40 -35.07
CA SER B 68 25.52 -20.21 -34.53
CA LEU B 69 23.54 -18.04 -36.91
CA ARG B 70 25.83 -15.17 -37.78
CA PRO B 71 24.82 -12.24 -40.00
CA GLN B 72 24.84 -11.47 -42.99
CA PRO B 73 22.31 -8.91 -41.72
CA THR B 74 21.42 -7.88 -45.30
CA GLU B 75 18.11 -9.72 -45.24
CA LEU B 76 15.89 -10.63 -48.17
CA LYS B 77 13.80 -8.09 -50.06
CA TYR B 78 11.59 -10.98 -51.31
CA SER B 79 9.80 -11.29 -47.96
CA TRP B 80 6.92 -9.71 -46.09
CA LYS B 81 7.55 -7.14 -43.34
CA ALA B 82 6.29 -8.17 -39.89
CA TRP B 83 6.05 -11.55 -38.13
CA GLY B 84 2.28 -11.47 -38.46
CA LYS B 85 1.20 -12.57 -41.92
CA ALA B 86 -2.21 -14.24 -41.95
CA LYS B 87 -3.71 -17.06 -44.01
CA MET B 88 -0.27 -18.58 -44.55
CA LEU B 89 0.00 -20.86 -47.58
CA SER B 90 1.20 -24.37 -46.80
CA THR B 91 4.59 -25.38 -48.18
CA GLU B 92 5.84 -28.48 -49.98
CA LEU B 93 8.76 -30.76 -49.13
CA HIS B 94 12.05 -30.15 -50.92
CA ASN B 95 14.87 -32.63 -51.41
CA HIS B 96 16.85 -30.15 -49.30
CA THR B 97 15.47 -30.72 -45.80
CA PHE B 98 16.43 -28.47 -42.89
CA LEU B 99 15.68 -30.01 -39.53
CA ILE B 100 15.35 -28.38 -36.12
CA ASP B 101 16.02 -29.61 -32.56
CA GLY B 102 14.68 -33.12 -32.06
CA PRO B 103 15.63 -36.80 -32.09
CA GLU B 104 17.91 -36.18 -35.08
CA THR B 105 21.44 -37.17 -34.01
CA ALA B 106 21.57 -39.69 -36.87
CA GLU B 107 20.65 -38.03 -40.19
CA CYS B 108 22.99 -35.06 -39.60
CA PRO B 109 25.11 -34.20 -36.53
CA ASN B 110 24.95 -30.97 -34.56
CA THR B 111 28.30 -29.94 -36.06
CA ASN B 112 26.31 -28.72 -39.09
CA ARG B 113 23.73 -27.25 -36.71
CA ALA B 114 23.15 -23.98 -34.88
CA TRP B 115 23.63 -23.35 -31.16
CA ASN B 116 23.18 -20.21 -29.07
CA SER B 117 22.10 -18.37 -32.21
CA LEU B 118 19.63 -15.88 -30.77
CA GLU B 119 19.85 -12.97 -28.36
CA VAL B 120 16.92 -11.61 -26.37
CA GLU B 121 16.31 -8.09 -27.66
CA ASP B 122 17.67 -5.09 -25.78
CA TYR B 123 14.15 -4.29 -24.56
CA GLY B 124 12.73 -7.77 -25.20
CA PHE B 125 11.99 -8.63 -21.56
CA GLY B 126 8.30 -7.80 -21.19
CA VAL B 127 6.41 -9.48 -18.36
CA PHE B 128 2.97 -7.92 -18.91
CA THR B 129 3.27 -8.19 -22.70
CA THR B 130 3.55 -11.89 -23.47
CA ASN B 131 6.11 -11.57 -26.27
CA ILE B 132 9.82 -12.39 -26.01
CA TRP B 133 11.75 -10.31 -28.55
CA LEU B 134 14.97 -11.74 -29.93
CA LYS B 135 17.68 -10.87 -32.42
CA LEU B 136 20.03 -13.51 -33.75
CA LYS B 137 23.42 -13.42 -32.06
CA GLU B 138 25.93 -11.52 -34.17
CA ARG B 139 28.67 -13.17 -32.07
CA GLN B 140 29.35 -16.77 -31.17
CA ASP B 141 28.80 -17.37 -27.47
CA VAL B 142 28.89 -20.21 -24.96
CA PHE B 143 27.49 -18.69 -21.74
CA CYS B 144 23.82 -18.69 -20.86
CA ASP B 145 22.15 -15.35 -21.57
CA SER B 146 22.94 -12.98 -18.70
CA LYS B 147 20.01 -10.86 -19.91
CA LEU B 148 17.69 -12.93 -17.66
CA MET B 149 19.44 -14.76 -14.85
CA SER B 150 19.82 -13.88 -11.17
CA ALA B 151 22.00 -14.54 -8.14
CA ALA B 152 21.71 -13.02 -4.68
CA ILE B 153 22.71 -13.93 -1.13
CA LYS B 154 20.64 -13.15 1.97
CA ASP B 155 21.90 -14.27 5.38
CA ASN B 156 21.05 -17.97 5.06
CA ARG B 157 20.60 -18.62 1.36
CA ALA B 158 22.13 -17.82 -2.01
CA VAL B 159 20.29 -19.27 -5.01
CA HIS B 160 21.51 -19.56 -8.59
CA ALA B 161 18.58 -19.79 -10.96
CA ASP B 162 17.29 -19.25 -14.49
CA MET B 163 14.16 -20.35 -16.34
CA GLY B 164 15.29 -23.98 -16.07
CA TYR B 165 17.33 -24.16 -12.85
CA TRP B 166 16.72 -23.20 -9.23
CA ILE B 167 20.08 -24.21 -7.75
CA GLU B 168 20.12 -23.20 -4.08
CA SER B 169 22.52 -22.81 -1.18
CA ALA B 170 21.65 -22.79 2.52
CA LEU B 171 23.34 -22.31 5.89
CA ASN B 172 23.06 -24.84 8.70
CA ASP B 173 26.73 -24.68 9.73
CA THR B 174 28.47 -23.91 6.41
CA TRP B 175 27.30 -22.72 2.97
CA LYS B 176 26.04 -25.72 0.99
CA ILE B 177 23.33 -26.82 -1.43
CA GLU B 178 20.25 -28.42 0.12
CA LYS B 179 18.12 -28.99 -2.97
CA ALA B 180 17.83 -28.12 -6.66
CA SER B 181 14.99 -28.36 -9.17
CA PHE B 182 15.35 -29.25 -12.85
CA ILE B 183 12.63 -28.65 -15.42
CA GLU B 184 15.29 -28.80 -18.16
CA VAL B 185 19.01 -29.56 -18.50
CA LYS B 186 20.80 -27.04 -20.71
CA SER B 187 24.45 -27.26 -21.73
CA CYS B 188 25.41 -23.57 -21.61
CA HIS B 189 28.08 -22.64 -19.08
CA TRP B 190 27.09 -20.16 -16.40
CA PRO B 191 28.91 -16.81 -16.87
CA LYS B 192 30.66 -15.16 -13.94
CA SER B 193 28.29 -12.20 -14.42
CA HIS B 194 25.86 -13.79 -11.95
CA THR B 195 28.10 -15.95 -9.73
CA LEU B 196 28.23 -15.52 -5.95
CA TRP B 197 31.40 -16.41 -4.04
CA SER B 198 33.00 -17.36 -7.38
CA ASN B 199 36.52 -17.57 -5.96
CA GLY B 200 38.21 -20.84 -5.14
CA VAL B 201 35.63 -22.89 -7.05
CA LEU B 202 36.26 -26.61 -6.62
CA GLU B 203 34.97 -28.85 -9.40
CA SER B 204 35.54 -31.86 -7.12
CA GLU B 205 32.94 -30.51 -4.68
CA MET B 206 30.75 -28.64 -7.16
CA ILE B 207 27.72 -30.93 -7.26
CA ILE B 208 26.31 -30.00 -10.69
CA PRO B 209 28.86 -30.07 -13.53
CA LYS B 210 29.33 -26.63 -15.05
CA ASN B 211 28.63 -28.36 -18.38
CA PHE B 212 25.02 -28.68 -17.11
CA ALA B 213 24.75 -24.91 -16.45
CA GLY B 214 26.19 -25.35 -12.97
CA PRO B 215 26.96 -22.09 -11.21
CA VAL B 216 30.67 -21.31 -10.91
CA SER B 217 30.73 -20.94 -7.12
CA GLN B 218 31.35 -22.79 -3.86
CA HIS B 219 27.66 -22.73 -2.83
CA ASN B 220 27.02 -25.97 -4.75
CA TYR B 221 29.45 -28.12 -2.71
CA ARG B 222 29.10 -30.86 -0.11
CA PRO B 223 31.83 -32.38 2.08
CA GLY B 224 32.53 -35.87 0.78
CA TYR B 225 30.45 -35.20 -2.35
CA HIS B 226 31.94 -34.31 -5.72
CA THR B 227 30.80 -33.55 -9.25
CA GLN B 228 27.76 -35.52 -10.42
CA THR B 229 29.18 -36.02 -13.90
CA ALA B 230 26.92 -38.84 -15.15
CA GLY B 231 24.04 -39.06 -12.70
CA PRO B 232 20.40 -39.28 -13.74
CA TRP B 233 20.91 -36.25 -16.01
CA HIS B 234 19.13 -38.18 -18.79
CA LEU B 235 15.89 -37.17 -17.08
CA GLY B 236 14.43 -33.72 -17.69
CA ARG B 237 13.33 -33.65 -14.04
CA LEU B 238 15.65 -34.02 -11.07
CA GLU B 239 14.91 -32.99 -7.47
CA MET B 240 18.21 -33.20 -5.59
CA ASP B 241 17.34 -33.04 -1.90
CA PHE B 242 19.37 -34.22 1.08
CA ASP B 243 17.49 -37.18 2.59
CA PHE B 244 16.97 -40.86 1.95
CA CYS B 245 14.84 -42.11 -0.90
CA GLU B 246 11.62 -43.35 0.68
CA GLY B 247 11.96 -46.89 2.03
CA THR B 248 15.77 -46.70 1.84
CA THR B 249 18.68 -45.92 4.15
CA VAL B 250 22.12 -44.52 3.37
CA VAL B 251 24.84 -45.38 5.90
CA VAL B 252 28.37 -43.94 5.94
CA THR B 253 30.31 -46.81 4.45
CA GLU B 254 33.97 -46.96 3.39
CA ASP B 255 33.88 -50.60 2.22
CA CYS B 256 31.03 -49.60 -0.10
CA GLY B 257 31.69 -49.56 -3.81
CA ASN B 258 33.30 -46.54 -5.41
CA ARG B 259 31.39 -43.68 -7.02
CA GLY B 260 30.12 -44.73 -10.42
CA PRO B 261 27.25 -43.90 -12.77
CA SER B 262 24.14 -43.21 -10.73
CA LEU B 263 21.72 -45.99 -9.80
CA ARG B 264 18.03 -45.36 -9.14
CA THR B 265 16.41 -46.67 -5.98
CA THR B 266 14.15 -48.65 -8.33
CA THR B 267 15.99 -51.14 -10.50
CA ALA B 268 15.07 -52.20 -14.02
CA SER B 269 12.53 -54.63 -12.55
CA GLY B 270 11.21 -51.96 -10.18
CA LYS B 271 12.16 -53.30 -6.74
CA LEU B 272 13.47 -51.05 -3.98
CA ILE B 273 17.09 -50.96 -2.87
CA THR B 274 16.57 -51.45 0.85
CA GLU B 275 20.08 -50.41 1.92
CA TRP B 276 22.35 -47.88 0.25
CA CYS B 277 26.01 -47.43 1.13
CA CYS B 278 27.85 -44.15 0.65
CA ARG B 279 31.62 -43.94 0.45
CA SER B 280 31.86 -40.38 1.78
CA CYS B 281 28.31 -39.01 2.02
CA THR B 282 26.99 -36.66 4.69
CA LEU B 283 23.71 -37.75 6.20
CA PRO B 284 21.11 -36.58 5.26
CA PRO B 285 22.55 -37.59 1.90
CA LEU B 286 21.83 -36.56 -1.68
CA ARG B 287 19.18 -38.52 -3.56
CA TYR B 288 17.58 -37.58 -6.86
CA ARG B 289 13.84 -37.40 -7.52
CA GLY B 290 12.94 -38.25 -11.10
CA GLU B 291 10.01 -39.18 -13.30
CA ASP B 292 11.47 -42.70 -13.57
CA GLY B 293 12.07 -42.97 -9.82
CA CYS B 294 14.36 -41.83 -7.00
CA TRP B 295 18.04 -41.87 -7.94
CA TYR B 296 21.12 -41.61 -5.70
CA GLY B 297 24.41 -39.79 -6.10
CA MET B 298 27.90 -40.88 -7.05
CA GLU B 299 29.28 -41.73 -3.59
CA ILE B 300 26.07 -43.60 -2.70
CA ARG B 301 25.79 -47.18 -3.93
CA PRO B 302 23.53 -50.08 -2.94
CA LEU B 303 24.94 -51.74 0.17
CA LYS B 304 25.25 -55.28 -1.19
CA GLU B 305 24.12 -55.70 -4.81
CA LYS B 306 26.74 -55.31 -7.54
CA PRO C 1 -22.15 7.93 29.08
CA GLU C 2 -21.31 6.30 32.41
CA SER C 3 -23.84 4.15 34.30
CA PRO C 4 -27.50 5.28 34.26
CA SER C 5 -27.41 4.97 38.04
CA LYS C 6 -24.75 7.69 38.04
CA LEU C 7 -26.88 9.92 35.83
CA ALA C 8 -29.95 9.18 37.98
CA SER C 9 -28.13 10.08 41.19
CA ALA C 10 -26.82 13.24 39.53
CA ILE C 11 -30.22 14.38 38.27
CA GLN C 12 -32.21 13.80 41.45
CA LYS C 13 -29.49 15.13 43.76
CA ALA C 14 -29.14 18.21 41.53
CA HIS C 15 -32.91 18.62 41.69
CA GLU C 16 -32.48 18.61 45.47
CA GLU C 17 -29.81 21.25 44.70
CA GLY C 18 -32.40 23.20 42.71
CA ILE C 19 -31.36 22.37 39.14
CA CYS C 20 -34.41 22.69 36.89
CA GLY C 21 -32.98 22.01 33.43
CA ILE C 22 -29.98 21.34 31.23
CA ARG C 23 -28.64 23.06 28.10
CA SER C 24 -26.57 21.26 25.47
CA VAL C 25 -23.24 22.74 24.44
CA THR C 26 -23.38 21.05 21.02
CA ARG C 27 -26.11 19.69 18.75
CA LEU C 28 -25.03 16.06 19.19
CA GLU C 29 -25.28 16.38 22.97
CA ASN C 30 -28.97 17.25 22.63
CA LEU C 31 -29.25 14.30 20.27
CA MET C 32 -27.89 12.25 23.17
CA TRP C 33 -30.55 13.89 25.35
CA LYS C 34 -33.33 12.91 22.95
CA GLN C 35 -31.93 9.37 23.06
CA ILE C 36 -31.55 9.24 26.85
CA THR C 37 -34.14 11.39 28.66
CA PRO C 38 -36.97 8.76 28.71
CA GLU C 39 -34.46 6.36 30.28
CA LEU C 40 -33.69 9.07 32.84
CA ASN C 41 -37.43 9.27 33.58
CA HIS C 42 -37.63 5.49 33.95
CA ILE C 43 -34.66 5.31 36.32
CA LEU C 44 -36.00 8.25 38.33
CA THR C 45 -39.30 6.40 38.74
CA GLU C 46 -37.32 3.32 39.78
CA ASN C 47 -35.52 5.56 42.31
CA GLU C 48 -38.75 6.96 43.86
CA VAL C 49 -37.69 10.58 43.46
CA LYS C 50 -40.52 12.72 42.09
CA LEU C 51 -39.17 14.11 38.82
CA THR C 52 -39.99 13.85 35.10
CA ILE C 53 -37.45 14.79 32.42
CA MET C 54 -38.41 16.15 28.98
CA THR C 55 -35.83 16.92 26.29
CA GLY C 56 -36.19 19.46 23.49
CA ASP C 57 -34.53 20.51 20.25
CA ILE C 58 -31.54 22.79 19.68
CA LYS C 59 -31.02 25.83 17.46
CA GLY C 60 -27.88 27.88 16.94
CA ILE C 61 -26.68 29.67 18.80
CA MET C 62 -26.62 26.88 21.39
CA GLN C 63 -27.25 28.84 24.59
CA ALA C 64 -24.95 28.09 27.53
CA GLY C 65 -25.97 27.19 31.05
CA LYS C 66 -24.07 28.09 34.23
CA ARG C 67 -24.08 24.94 36.42
CA SER C 68 -22.46 21.56 35.73
CA LEU C 69 -23.23 18.08 37.00
CA ARG C 70 -20.75 17.49 39.79
CA PRO C 71 -20.46 14.21 41.72
CA GLN C 72 -21.64 12.90 44.25
CA PRO C 73 -20.27 9.76 42.52
CA THR C 74 -22.03 7.49 45.04
CA GLU C 75 -24.72 6.48 42.58
CA LEU C 76 -28.03 4.77 43.31
CA LYS C 77 -28.30 1.10 44.25
CA TYR C 78 -31.98 1.18 43.17
CA SER C 79 -31.07 1.08 39.47
CA TRP C 80 -30.18 -1.44 36.80
CA LYS C 81 -26.55 -1.99 35.76
CA ALA C 82 -25.83 -1.23 32.09
CA TRP C 83 -27.24 1.37 29.67
CA GLY C 84 -29.05 -1.37 27.77
CA LYS C 85 -32.28 -2.30 29.51
CA ALA C 86 -34.96 -3.52 27.11
CA LYS C 87 -38.75 -3.22 27.07
CA MET C 88 -38.57 0.01 29.04
CA LEU C 89 -41.76 0.90 30.91
CA SER C 90 -43.20 4.31 30.05
CA THR C 91 -43.17 6.95 32.78
CA GLU C 92 -45.79 9.40 34.02
CA LEU C 93 -45.56 13.17 34.43
CA HIS C 94 -44.72 14.53 37.87
CA ASN C 95 -45.44 18.01 39.18
CA HIS C 96 -41.65 18.26 39.39
CA THR C 97 -40.63 18.65 35.74
CA PHE C 98 -36.99 18.60 34.66
CA LEU C 99 -36.44 20.03 31.23
CA ILE C 100 -33.50 19.65 28.86
CA ASP C 101 -32.00 21.92 26.16
CA GLY C 102 -34.72 23.49 24.04
CA PRO C 103 -36.84 26.62 23.60
CA GLU C 104 -37.13 26.95 27.39
CA THR C 105 -35.61 30.33 28.33
CA ALA C 106 -38.94 31.33 29.92
CA GLU C 107 -40.11 28.67 32.39
CA CYS C 108 -36.69 28.45 34.10
CA PRO C 109 -33.41 30.16 33.19
CA ASN C 110 -30.13 28.41 32.47
CA THR C 111 -28.79 29.61 35.83
CA ASN C 112 -30.58 26.59 37.35
CA ARG C 113 -29.35 24.47 34.44
CA ALA C 114 -26.31 22.38 33.59
CA TRP C 115 -23.52 23.31 31.19
CA ASN C 116 -20.36 21.44 30.17
CA SER C 117 -21.39 18.61 32.47
CA LEU C 118 -19.95 15.62 30.62
CA GLU C 119 -16.46 14.47 29.69
CA VAL C 120 -15.69 12.08 26.85
CA GLU C 121 -14.29 8.95 28.45
CA ASP C 122 -10.54 8.37 28.62
CA TYR C 123 -10.85 5.75 25.86
CA GLY C 124 -14.23 6.93 24.58
CA PHE C 125 -13.06 8.01 21.12
CA GLY C 126 -13.91 5.02 18.95
CA VAL C 127 -14.28 5.63 15.21
CA PHE C 128 -15.05 2.07 14.08
CA THR C 129 -17.28 1.41 17.10
CA THR C 130 -20.15 3.89 16.83
CA ASN C 131 -20.40 4.67 20.56
CA ILE C 132 -19.17 7.83 22.27
CA TRP C 133 -18.34 7.06 25.90
CA LEU C 134 -18.69 9.87 28.42
CA LYS C 135 -18.32 10.45 32.15
CA LEU C 136 -19.86 13.49 33.79
CA LYS C 137 -17.32 16.22 34.46
CA GLU C 138 -16.11 16.09 38.06
CA ARG C 139 -14.81 19.65 37.58
CA GLN C 140 -16.47 22.79 36.29
CA ASP C 141 -14.99 23.82 32.96
CA VAL C 142 -15.45 26.49 30.29
CA PHE C 143 -13.18 25.38 27.43
CA CYS C 144 -14.30 23.10 24.64
CA ASP C 145 -13.17 19.51 25.13
CA SER C 146 -9.54 19.24 24.03
CA LYS C 147 -10.07 15.47 23.85
CA LEU C 148 -11.23 15.88 20.22
CA MET C 149 -10.08 19.09 18.56
CA SER C 150 -7.19 19.76 16.18
CA ALA C 151 -4.94 22.54 14.92
CA ALA C 152 -2.03 22.25 12.50
CA ILE C 153 -0.17 24.52 10.11
CA LYS C 154 1.24 23.41 6.73
CA ASP C 155 2.99 25.97 4.52
CA ASN C 156 -0.11 27.80 3.28
CA ARG C 157 -2.89 26.91 5.68
CA ALA C 158 -3.60 26.51 9.38
CA VAL C 159 -7.13 25.40 10.23
CA HIS C 160 -8.86 25.45 13.60
CA ALA C 161 -11.68 22.96 13.69
CA ASP C 162 -13.91 20.75 15.81
CA MET C 163 -17.12 18.82 15.14
CA GLY C 164 -18.96 22.12 14.58
CA TYR C 165 -16.33 24.51 13.23
CA TRP C 166 -13.85 24.44 10.34
CA ILE C 167 -12.20 27.83 10.86
CA GLU C 168 -9.38 28.18 8.34
CA SER C 169 -6.37 30.36 7.59
CA ALA C 170 -4.62 30.76 4.25
CA LEU C 171 -1.60 32.51 2.76
CA ASN C 172 -1.82 34.80 -0.27
CA ASP C 173 0.50 37.50 1.09
CA THR C 174 -0.11 37.27 4.87
CA TRP C 175 -1.80 34.72 7.16
CA LYS C 176 -5.56 35.33 7.14
CA ILE C 177 -8.90 33.55 7.15
CA GLU C 178 -10.48 32.94 3.74
CA LYS C 179 -13.60 31.01 4.76
CA ALA C 180 -15.25 29.22 7.66
CA SER C 181 -18.13 26.75 7.89
CA PHE C 182 -20.70 26.60 10.69
CA ILE C 183 -22.97 23.62 11.27
CA GLU C 184 -23.47 24.79 14.86
CA VAL C 185 -22.54 27.77 17.06
CA LYS C 186 -21.29 26.69 20.49
CA SER C 187 -20.41 29.07 23.32
CA CYS C 188 -17.37 27.28 24.79
CA HIS C 189 -14.10 29.17 24.64
CA TRP C 190 -11.29 27.55 22.67
CA PRO C 191 -8.45 26.42 25.00
CA LYS C 192 -4.85 27.30 24.21
CA SER C 193 -4.15 23.56 24.02
CA HIS C 194 -4.90 23.64 20.28
CA THR C 195 -4.11 27.24 19.27
CA LEU C 196 -1.58 28.06 16.55
CA TRP C 197 0.33 31.37 16.66
CA SER C 198 -1.54 32.19 19.90
CA ASN C 199 0.69 35.14 20.76
CA GLY C 200 -0.34 38.72 20.23
CA VAL C 201 -3.98 37.81 19.63
CA LEU C 202 -6.02 40.87 18.64
CA GLU C 203 -9.73 40.73 19.43
CA SER C 204 -10.21 43.77 17.18
CA GLU C 205 -9.05 41.75 14.18
CA MET C 206 -10.17 38.31 15.34
CA ILE C 207 -13.13 37.74 13.04
CA ILE C 208 -15.09 35.21 15.12
CA PRO C 209 -15.64 36.23 18.77
CA LYS C 210 -13.96 33.82 21.14
CA ASN C 211 -17.37 33.60 22.83
CA PHE C 212 -18.47 31.68 19.70
CA ALA C 213 -15.62 29.14 20.06
CA GLY C 214 -13.29 31.37 18.09
CA PRO C 215 -9.67 30.19 18.07
CA VAL C 216 -7.33 32.29 20.18
CA SER C 217 -4.86 33.12 17.41
CA GLN C 218 -3.98 35.67 14.74
CA HIS C 219 -4.98 33.39 11.84
CA ASN C 220 -8.60 34.61 12.06
CA TYR C 221 -7.82 38.27 11.30
CA ARG C 222 -8.35 40.59 8.35
CA PRO C 223 -6.92 44.09 7.81
CA GLY C 224 -9.76 46.57 8.26
CA TYR C 225 -12.02 43.84 9.66
CA HIS C 226 -12.70 43.34 13.36
CA THR C 227 -14.72 41.08 15.63
CA GLN C 228 -18.09 40.00 14.24
CA THR C 229 -19.81 40.36 17.60
CA ALA C 230 -23.46 40.36 16.49
CA GLY C 231 -23.48 39.20 12.88
CA PRO C 232 -25.85 36.55 11.53
CA TRP C 233 -24.85 34.27 14.40
CA HIS C 234 -28.56 33.58 14.99
CA LEU C 235 -28.33 31.13 12.09
CA GLY C 236 -26.96 27.65 12.66
CA ARG C 237 -25.30 27.84 9.24
CA LEU C 238 -22.81 30.49 8.17
CA GLU C 239 -20.36 30.28 5.26
CA MET C 240 -17.95 33.19 5.65
CA ASP C 241 -16.12 33.50 2.35
CA PHE C 242 -14.30 36.51 0.91
CA ASP C 243 -16.29 37.61 -2.15
CA PHE C 244 -19.42 39.57 -2.97
CA CYS C 245 -22.87 38.17 -2.33
CA GLU C 246 -24.23 37.23 -5.75
CA GLY C 247 -25.72 40.21 -7.56
CA THR C 248 -24.02 42.65 -5.16
CA THR C 249 -20.86 44.75 -5.06
CA VAL C 250 -18.82 45.96 -2.10
CA VAL C 251 -16.74 49.10 -2.72
CA VAL C 252 -14.17 50.56 -0.32
CA THR C 253 -16.13 53.43 1.16
CA GLU C 254 -15.23 55.74 4.04
CA ASP C 255 -18.43 57.81 3.88
CA CYS C 256 -20.34 54.55 4.30
CA GLY C 257 -22.17 53.96 7.56
CA ASN C 258 -20.30 52.59 10.55
CA ARG C 259 -20.11 48.91 11.48
CA GLY C 260 -23.36 47.82 13.07
CA PRO C 261 -25.42 44.65 13.45
CA SER C 262 -25.15 42.61 10.29
CA LEU C 263 -27.59 43.07 7.41
CA ARG C 264 -28.43 40.30 4.96
CA THR C 265 -28.22 40.93 1.23
CA THR C 266 -31.95 40.07 1.19
CA THR C 267 -34.07 42.42 3.25
CA ALA C 268 -37.24 41.54 5.13
CA SER C 269 -39.19 41.83 1.88
CA GLY C 270 -36.58 39.78 0.02
CA LYS C 271 -35.10 42.28 -2.46
CA LEU C 272 -31.38 42.40 -3.20
CA ILE C 273 -29.07 45.15 -1.94
CA THR C 274 -27.49 46.13 -5.25
CA GLU C 275 -24.61 48.13 -3.77
CA TRP C 276 -22.82 47.53 -0.47
CA CYS C 277 -20.38 49.97 1.07
CA CYS C 278 -17.59 48.90 3.40
CA ARG C 279 -15.89 51.30 5.79
CA SER C 280 -12.57 49.42 5.86
CA CYS C 281 -13.07 46.13 4.02
CA THR C 282 -10.51 44.37 1.85
CA LEU C 283 -11.84 43.27 -1.51
CA PRO C 284 -12.74 40.42 -1.95
CA PRO C 285 -14.73 41.19 1.19
CA LEU C 286 -16.40 39.02 3.82
CA ARG C 287 -20.02 38.01 3.20
CA TYR C 288 -21.97 35.36 5.07
CA ARG C 289 -23.89 32.50 3.48
CA GLY C 290 -26.93 31.48 5.48
CA GLU C 291 -30.15 29.49 5.24
CA ASP C 292 -32.07 32.80 5.32
CA GLY C 293 -29.82 34.41 2.71
CA CYS C 294 -26.40 35.98 2.17
CA TRP C 295 -25.33 38.29 4.99
CA TYR C 296 -22.50 40.83 5.11
CA GLY C 297 -20.01 41.75 7.81
CA MET C 298 -19.76 44.62 10.25
CA GLU C 299 -17.74 47.09 8.15
CA ILE C 300 -19.94 46.39 5.10
CA ARG C 301 -23.23 48.27 4.91
CA PRO C 302 -25.64 48.95 2.06
CA LEU C 303 -24.37 51.88 0.02
CA LYS C 304 -27.44 54.11 0.28
CA GLU C 305 -30.32 52.62 2.30
CA LYS C 306 -30.46 53.42 6.01
CA PRO D 1 20.49 31.51 3.06
CA GLU D 2 19.57 34.41 0.79
CA SER D 3 22.11 36.00 -1.57
CA PRO D 4 25.70 36.39 -0.32
CA SER D 5 25.45 40.04 -1.35
CA LYS D 6 22.64 40.40 1.20
CA LEU D 7 24.77 38.78 3.91
CA ALA D 8 27.75 40.93 2.89
CA SER D 9 25.73 44.15 3.07
CA ALA D 10 24.34 43.05 6.43
CA ILE D 11 27.74 42.23 7.94
CA GLN D 12 29.60 45.36 6.84
CA LYS D 13 26.69 47.71 7.57
CA ALA D 14 26.30 46.09 11.02
CA HIS D 15 30.04 46.55 11.54
CA GLU D 16 29.41 50.22 10.78
CA GLU D 17 26.65 49.82 13.40
CA GLY D 18 29.24 48.40 15.82
CA ILE D 19 28.42 44.68 15.64
CA CYS D 20 31.56 42.72 16.53
CA GLY D 21 30.34 39.12 16.47
CA ILE D 22 27.49 36.65 16.13
CA ARG D 23 26.23 33.84 18.37
CA SER D 24 24.39 30.79 17.02
CA VAL D 25 21.04 29.87 18.54
CA THR D 26 21.44 26.20 17.56
CA ARG D 27 24.35 23.89 16.78
CA LEU D 28 23.44 23.55 13.09
CA GLU D 29 23.48 27.33 12.67
CA ASN D 30 27.13 27.38 13.75
CA LEU D 31 27.69 24.52 11.31
CA MET D 32 26.28 26.90 8.69
CA TRP D 33 28.74 29.50 9.99
CA LYS D 34 31.69 27.12 9.60
CA GLN D 35 30.47 26.47 6.06
CA ILE D 36 29.91 30.14 5.18
CA THR D 37 32.30 32.48 7.04
CA PRO D 38 35.24 32.19 4.57
CA GLU D 39 32.79 33.13 1.81
CA LEU D 40 31.76 36.10 3.93
CA ASN D 41 35.42 37.09 4.14
CA HIS D 42 35.81 36.74 0.37
CA ILE D 43 32.74 38.84 -0.39
CA LEU D 44 33.83 41.46 2.16
CA THR D 45 37.19 41.71 0.41
CA GLU D 46 35.32 42.00 -2.90
CA ASN D 47 33.28 44.81 -1.27
CA GLU D 48 36.35 46.79 -0.08
CA VAL D 49 35.12 47.02 3.51
CA LYS D 50 37.90 46.27 6.00
CA LEU D 51 36.66 43.25 7.94
CA THR D 52 37.67 39.60 8.43
CA ILE D 53 35.23 37.00 9.77
CA MET D 54 36.28 33.95 11.82
CA THR D 55 33.81 31.31 12.99
CA GLY D 56 34.18 29.08 16.03
CA ASP D 57 32.63 26.00 17.63
CA ILE D 58 29.55 25.71 19.84
CA LYS D 59 29.00 24.09 23.24
CA GLY D 60 25.78 23.78 25.21
CA ILE D 61 24.41 25.88 26.56
CA MET D 62 24.36 27.88 23.34
CA GLN D 63 24.71 31.43 24.64
CA ALA D 64 22.31 34.02 23.25
CA GLY D 65 23.20 37.37 21.72
CA LYS D 66 21.10 40.53 21.90
CA ARG D 67 21.16 42.07 18.39
CA SER D 68 19.76 40.66 15.15
CA LEU D 69 20.65 41.29 11.52
CA ARG D 70 18.05 43.75 10.30
CA PRO D 71 17.84 45.00 6.69
CA GLN D 72 18.96 47.29 4.97
CA PRO D 73 17.85 44.92 2.18
CA THR D 74 19.58 47.06 -0.46
CA GLU D 75 22.46 44.61 -0.86
CA LEU D 76 25.79 45.19 -2.55
CA LYS D 77 26.22 45.43 -6.31
CA TYR D 78 29.94 44.61 -5.87
CA SER D 79 29.21 40.90 -5.29
CA TRP D 80 28.59 37.75 -7.29
CA LYS D 81 25.06 36.40 -7.77
CA ALA D 82 24.48 32.92 -6.34
CA TRP D 83 25.88 31.13 -3.26
CA GLY D 84 27.92 28.85 -5.50
CA LYS D 85 31.11 30.57 -6.63
CA ALA D 86 33.96 28.15 -7.25
CA LYS D 87 37.72 28.38 -6.79
CA MET D 88 37.28 30.93 -4.00
CA LEU D 89 40.33 33.12 -3.37
CA SER D 90 41.62 33.00 0.20
CA THR D 91 41.32 36.20 2.26
CA GLU D 92 43.74 38.05 4.52
CA LEU D 93 43.30 39.14 8.13
CA HIS D 94 42.21 42.73 8.77
CA ASN D 95 42.68 44.72 11.94
CA HIS D 96 38.88 44.75 12.00
CA THR D 97 38.04 41.19 13.06
CA PHE D 98 34.46 39.91 13.05
CA LEU D 99 34.01 36.78 15.10
CA ILE D 100 31.22 34.21 15.07
CA ASP D 101 29.74 31.92 17.75
CA GLY D 102 32.47 30.31 19.82
CA PRO D 103 34.45 30.60 23.05
CA GLU D 104 34.53 34.39 22.66
CA THR D 105 32.79 35.87 25.72
CA ALA D 106 35.98 37.82 26.54
CA GLU D 107 37.17 39.81 23.50
CA CYS D 108 33.68 41.22 22.80
CA PRO D 109 30.35 40.47 24.53
CA ASN D 110 27.21 39.23 22.82
CA THR D 111 25.64 42.69 23.28
CA ASN D 112 27.51 43.69 20.10
CA ARG D 113 26.54 40.37 18.53
CA ALA D 114 23.66 38.95 16.52
CA TRP D 115 20.96 36.59 17.79
CA ASN D 116 17.95 35.07 16.02
CA SER D 117 19.00 36.84 12.86
CA LEU D 118 17.81 34.36 10.22
CA GLU D 119 14.44 33.02 9.13
CA VAL D 120 13.94 29.74 7.31
CA GLU D 121 12.63 30.63 3.86
CA ASP D 122 8.91 30.46 3.11
CA TYR D 123 9.50 27.27 1.10
CA GLY D 124 12.87 26.45 2.65
CA PHE D 125 11.81 23.18 4.32
CA GLY D 126 12.94 20.54 1.85
CA VAL D 127 13.46 17.01 3.19
CA PHE D 128 14.46 15.27 -0.05
CA THR D 129 16.57 18.23 -1.19
CA THR D 130 19.32 18.61 1.41
CA ASN D 131 19.34 22.43 1.46
CA ILE D 132 17.86 24.64 4.19
CA TRP D 133 16.89 28.00 2.69
CA LEU D 134 16.97 31.03 4.96
CA LYS D 135 16.39 34.77 4.79
CA LEU D 136 17.67 37.06 7.51
CA LYS D 137 14.97 38.09 9.94
CA GLU D 138 13.59 41.52 9.08
CA ARG D 139 12.14 41.65 12.60
CA GLN D 140 13.68 41.08 16.00
CA ASP D 141 12.33 37.92 17.60
CA VAL D 142 12.78 35.86 20.74
CA PHE D 143 10.73 32.71 20.12
CA CYS D 144 12.10 29.60 18.49
CA ASP D 145 11.13 29.33 14.83
CA SER D 146 7.57 27.99 14.62
CA LYS D 147 8.31 27.12 10.99
CA LEU D 148 9.62 23.71 12.14
CA MET D 149 8.41 22.63 15.56
CA SER D 150 5.61 20.26 16.55
CA ALA D 151 3.27 19.42 19.43
CA ALA D 152 0.51 16.83 19.51
CA ILE D 153 -1.35 14.79 22.11
CA LYS D 154 -2.51 11.20 21.63
CA ASP D 155 -4.28 9.42 24.49
CA ASN D 156 -1.23 8.73 26.65
CA ARG D 157 1.47 11.09 25.43
CA ALA D 158 2.01 14.68 24.35
CA VAL D 159 5.55 15.51 23.25
CA HIS D 160 7.11 18.93 22.70
CA ALA D 161 10.05 18.69 20.36
CA ASP D 162 12.28 20.48 17.87
CA MET D 163 15.61 19.63 16.25
CA GLY D 164 17.31 19.84 19.66
CA TYR D 165 14.62 18.82 22.17
CA TRP D 166 12.30 15.83 22.56
CA ILE D 167 10.45 16.89 25.71
CA GLU D 168 7.75 14.32 26.43
CA SER D 169 4.67 13.83 28.59
CA ALA D 170 3.08 10.52 29.55
CA LEU D 171 0.03 9.22 31.44
CA ASN D 172 0.29 6.71 34.27
CA ASP D 173 -2.23 8.43 36.56
CA THR D 174 -1.79 12.11 35.62
CA TRP D 175 -0.10 13.97 32.75
CA LYS D 176 3.62 14.29 33.51
CA ILE D 177 7.06 14.15 31.91
CA GLU D 178 8.83 10.79 32.03
CA LYS D 179 11.98 11.60 30.08
CA ALA D 180 13.59 14.20 27.83
CA SER D 181 16.56 14.12 25.47
CA PHE D 182 18.99 16.99 24.88
CA ILE D 183 21.39 17.12 21.94
CA GLU D 184 21.64 20.89 22.43
CA VAL D 185 20.46 23.56 24.87
CA LYS D 186 19.09 26.64 23.09
CA SER D 187 17.94 29.83 24.84
CA CYS D 188 14.94 30.73 22.67
CA HIS D 189 11.58 30.75 24.42
CA TRP D 190 8.96 28.35 23.09
CA PRO D 191 6.08 30.25 21.42
CA LYS D 192 2.48 29.43 22.30
CA SER D 193 1.98 28.49 18.62
CA HIS D 194 2.91 24.87 19.47
CA THR D 195 1.99 24.53 23.16
CA LEU D 196 -0.43 21.88 24.40
CA TRP D 197 -2.52 22.50 27.53
CA SER D 198 -0.86 25.94 27.79
CA ASN D 199 -3.28 27.22 30.41
CA GLY D 200 -2.42 27.45 34.08
CA VAL D 201 1.29 26.91 33.44
CA LEU D 202 3.21 26.65 36.73
CA GLU D 203 6.87 27.61 36.59
CA SER D 204 7.33 26.02 40.03
CA GLU D 205 6.41 22.63 38.58
CA MET D 206 7.65 23.17 35.02
CA ILE D 207 10.76 20.98 35.04
CA ILE D 208 12.73 22.65 32.23
CA PRO D 209 13.06 26.45 32.54
CA LYS D 210 11.38 28.21 29.65
CA ASN D 211 14.71 30.03 29.25
CA PHE D 212 16.06 26.66 28.02
CA ALA D 213 13.33 26.35 25.34
CA GLY D 214 10.98 24.72 27.81
CA PRO D 215 7.44 24.25 26.51
CA VAL D 216 4.89 26.59 28.07
CA SER D 217 2.54 23.88 29.32
CA GLN D 218 1.64 21.71 32.30
CA HIS D 219 2.91 18.48 30.66
CA ASN D 220 6.44 19.16 31.97
CA TYR D 221 5.52 19.06 35.67
CA ARG D 222 6.08 16.64 38.54
CA PRO D 223 4.49 16.71 42.02
CA GLY D 224 7.17 17.80 44.47
CA TYR D 225 9.50 18.78 41.63
CA HIS D 226 10.01 22.35 40.44
CA THR D 227 12.03 24.25 37.86
CA GLN D 228 15.52 22.88 37.22
CA THR D 229 17.05 26.35 36.99
CA ALA D 230 20.75 25.48 37.36
CA GLY D 231 21.00 21.72 36.93
CA PRO D 232 23.57 20.04 34.69
CA TRP D 233 22.55 22.34 31.84
CA HIS D 234 26.26 23.01 31.21
CA LEU D 235 26.30 19.68 29.37
CA GLY D 236 25.09 19.50 25.80
CA ARG D 237 23.60 16.08 26.58
CA LEU D 238 21.03 15.40 29.28
CA GLU D 239 18.74 12.36 29.53
CA MET D 240 16.16 13.16 32.22
CA ASP D 241 14.48 9.88 33.08
CA PHE D 242 12.59 8.93 36.23
CA ASP D 243 14.67 6.26 38.00
CA PHE D 244 17.73 6.02 40.20
CA CYS D 245 21.21 6.58 38.85
CA GLU D 246 22.79 3.13 38.64
CA GLY D 247 24.22 2.02 41.98
CA THR D 248 22.28 4.73 43.83
CA THR D 249 19.01 5.05 45.74
CA VAL D 250 16.77 8.08 46.27
CA VAL D 251 14.56 7.93 49.38
CA VAL D 252 11.79 10.41 50.24
CA THR D 253 13.53 12.53 52.84
CA GLU D 254 12.36 15.74 54.51
CA ASP D 255 15.46 16.17 56.71
CA CYS D 256 17.51 16.08 53.50
CA GLY D 257 19.21 19.26 52.38
CA ASN D 258 17.27 21.82 50.37
CA ARG D 259 17.21 22.01 46.59
CA GLY D 260 20.43 23.56 45.33
CA PRO D 261 22.63 23.45 42.23
CA SER D 262 22.62 19.92 40.83
CA LEU D 263 25.19 17.35 41.95
CA ARG D 264 26.28 14.46 39.74
CA THR D 265 26.24 10.91 41.09
CA THR D 266 29.99 10.94 40.40
CA THR D 267 31.90 13.54 42.39
CA ALA D 268 35.00 15.39 41.28
CA SER D 269 37.09 12.38 42.29
CA GLY D 270 34.69 10.01 40.52
CA LYS D 271 33.21 7.98 43.39
CA LEU D 272 29.53 7.04 43.51
CA ILE D 273 27.02 8.66 45.86
CA THR D 274 25.56 5.52 47.40
CA GLU D 275 22.51 7.19 48.96
CA TRP D 276 20.60 10.19 47.65
CA CYS D 277 17.95 12.03 49.65
CA CYS D 278 15.11 13.94 48.03
CA ARG D 279 13.16 16.64 49.84
CA SER D 280 9.95 16.16 47.85
CA CYS D 281 10.71 13.75 45.01
CA THR D 282 8.36 11.13 43.60
CA LEU D 283 9.92 7.72 43.22
CA PRO D 284 10.97 6.78 40.56
CA PRO D 285 12.77 10.12 40.78
CA LEU D 286 14.41 12.39 38.21
CA ARG D 287 18.10 11.79 37.50
CA TYR D 288 20.09 13.24 34.62
CA ARG D 289 22.24 11.24 32.20
CA GLY D 290 25.22 13.19 30.93
CA GLU D 291 28.54 12.77 29.17
CA ASP D 292 30.29 13.59 32.47
CA GLY D 293 28.10 11.21 34.47
CA CYS D 294 24.62 10.78 35.97
CA TRP D 295 23.30 13.92 37.63
CA TYR D 296 20.34 14.36 39.99
CA GLY D 297 17.68 17.03 40.26
CA MET D 298 17.14 19.96 42.59
CA GLU D 299 15.11 18.26 45.34
CA ILE D 300 17.49 15.26 45.34
CA ARG D 301 20.68 15.64 47.35
CA PRO D 302 23.21 13.11 48.68
CA LEU D 303 21.89 11.60 51.88
CA LYS D 304 24.82 12.47 54.15
CA GLU D 305 27.66 14.33 52.42
CA LYS D 306 27.58 18.13 52.48
CA PRO E 1 -10.44 -35.92 -6.19
CA GLU E 2 -11.63 -37.98 -3.23
CA SER E 3 -9.96 -41.27 -2.27
CA PRO E 4 -8.79 -43.57 -5.10
CA SER E 5 -10.72 -46.34 -3.35
CA LYS E 6 -13.87 -44.30 -3.94
CA LEU E 7 -13.02 -43.87 -7.63
CA ALA E 8 -12.15 -47.57 -7.88
CA SER E 9 -15.44 -48.64 -6.34
CA ALA E 10 -17.28 -46.24 -8.64
CA ILE E 11 -15.57 -47.46 -11.82
CA GLN E 12 -15.93 -51.19 -11.22
CA LYS E 13 -19.48 -50.95 -9.85
CA ALA E 14 -20.45 -48.77 -12.83
CA HIS E 15 -18.86 -51.36 -15.11
CA GLU E 16 -21.16 -53.87 -13.42
CA GLU E 17 -23.85 -51.27 -14.23
CA GLY E 18 -22.70 -51.33 -17.86
CA ILE E 19 -20.72 -48.07 -18.05
CA CYS E 20 -18.14 -48.41 -20.83
CA GLY E 21 -16.52 -44.98 -20.88
CA ILE E 22 -16.40 -41.40 -19.62
CA ARG E 23 -16.51 -38.03 -21.39
CA SER E 24 -14.94 -34.89 -19.95
CA VAL E 25 -17.07 -31.76 -19.65
CA THR E 26 -14.00 -29.49 -19.79
CA ARG E 27 -10.46 -29.77 -21.13
CA LEU E 28 -8.86 -29.72 -17.67
CA GLU E 29 -11.01 -32.65 -16.58
CA ASN E 30 -9.50 -34.78 -19.35
CA LEU E 31 -6.12 -33.50 -18.20
CA MET E 32 -7.08 -34.95 -14.82
CA TRP E 33 -7.99 -38.17 -16.63
CA LYS E 34 -4.59 -38.33 -18.33
CA GLN E 35 -3.04 -37.84 -14.89
CA ILE E 36 -5.24 -40.39 -13.12
CA THR E 37 -6.31 -43.26 -15.43
CA PRO E 38 -3.16 -45.43 -14.97
CA GLU E 39 -3.73 -45.16 -11.21
CA LEU E 40 -7.32 -46.28 -11.82
CA ASN E 41 -5.94 -49.29 -13.71
CA HIS E 42 -3.55 -50.08 -10.85
CA ILE E 43 -6.26 -49.86 -8.19
CA LEU E 44 -8.62 -51.96 -10.34
CA THR E 45 -5.93 -54.63 -10.58
CA GLU E 46 -5.49 -54.38 -6.80
CA ASN E 47 -9.29 -54.84 -6.53
CA GLU E 48 -9.39 -57.99 -8.71
CA VAL E 49 -12.10 -56.63 -10.99
CA LYS E 50 -11.30 -57.30 -14.65
CA LEU E 51 -11.10 -53.85 -16.24
CA THR E 52 -8.47 -51.67 -17.92
CA ILE E 53 -8.91 -47.90 -18.29
CA MET E 54 -7.42 -45.86 -21.16
CA THR E 55 -7.77 -42.08 -21.38
CA GLY E 56 -7.72 -40.00 -24.56
CA ASP E 57 -7.47 -36.40 -25.72
CA ILE E 58 -10.20 -33.76 -26.01
CA LYS E 59 -11.25 -31.48 -28.87
CA GLY E 60 -13.93 -28.80 -28.90
CA ILE E 61 -16.74 -29.21 -28.88
CA MET E 62 -16.37 -31.36 -25.76
CA GLN E 63 -19.09 -33.95 -26.31
CA ALA E 64 -21.41 -34.65 -23.38
CA GLY E 65 -22.22 -38.03 -21.89
CA LYS E 66 -25.53 -39.03 -20.30
CA ARG E 67 -24.66 -40.96 -17.11
CA SER E 68 -22.90 -39.71 -13.98
CA LEU E 69 -20.92 -41.51 -11.29
CA ARG E 70 -23.34 -41.97 -8.43
CA PRO E 71 -22.40 -43.52 -5.08
CA GLN E 72 -22.31 -46.30 -3.76
CA PRO E 73 -20.01 -44.42 -1.35
CA THR E 74 -19.00 -47.67 0.38
CA GLU E 75 -15.59 -47.76 -1.27
CA LEU E 76 -13.17 -50.66 -1.49
CA LYS E 77 -11.14 -51.90 1.46
CA TYR E 78 -8.71 -53.54 -1.01
CA SER E 79 -7.07 -50.21 -1.88
CA TRP E 80 -4.39 -47.89 -0.54
CA LYS E 81 -5.33 -44.75 1.43
CA ALA E 82 -4.17 -41.49 -0.18
CA TRP E 83 -3.83 -40.38 -3.82
CA GLY E 84 -0.06 -40.46 -3.49
CA LYS E 85 1.27 -43.99 -3.85
CA ALA E 86 4.76 -44.11 -5.31
CA LYS E 87 6.55 -46.58 -7.61
CA MET E 88 3.24 -47.60 -9.17
CA LEU E 89 3.27 -51.02 -10.83
CA SER E 90 2.25 -50.99 -14.49
CA THR E 91 -1.01 -52.75 -15.38
CA GLU E 92 -1.96 -55.17 -18.14
CA LEU E 93 -4.78 -54.95 -20.68
CA HIS E 94 -8.00 -56.80 -19.91
CA ASN E 95 -10.64 -57.91 -22.39
CA HIS E 96 -12.88 -55.52 -20.45
CA THR E 97 -11.64 -52.10 -21.62
CA PHE E 98 -12.89 -48.89 -20.02
CA LEU E 99 -12.22 -45.83 -22.13
CA ILE E 100 -12.18 -42.16 -21.18
CA ASP E 101 -12.95 -38.95 -23.09
CA GLY E 102 -11.42 -39.05 -26.56
CA PRO E 103 -12.15 -39.82 -30.21
CA GLU E 104 -14.30 -42.78 -29.15
CA THR E 105 -17.82 -42.14 -30.50
CA ALA E 106 -17.65 -45.43 -32.42
CA GLU E 107 -16.65 -48.30 -30.11
CA CYS E 108 -19.20 -47.30 -27.44
CA PRO E 109 -21.52 -44.28 -27.29
CA ASN E 110 -21.67 -41.73 -24.50
CA THR E 111 -25.00 -43.21 -23.36
CA ASN E 112 -22.92 -45.82 -21.49
CA ARG E 113 -20.56 -43.06 -20.37
CA ALA E 114 -20.28 -40.62 -17.49
CA TRP E 115 -21.00 -36.88 -17.62
CA ASN E 116 -20.85 -34.21 -14.90
CA SER E 117 -19.72 -36.87 -12.45
CA LEU E 118 -17.48 -34.83 -10.16
CA GLU E 119 -18.00 -31.93 -7.78
CA VAL E 120 -15.28 -29.55 -6.68
CA GLU E 121 -14.81 -30.12 -2.96
CA ASP E 122 -16.45 -27.79 -0.44
CA TYR E 123 -13.05 -26.22 0.28
CA GLY E 124 -11.39 -27.41 -2.93
CA PHE E 125 -10.79 -23.96 -4.44
CA GLY E 126 -7.18 -23.21 -3.50
CA VAL E 127 -5.35 -20.64 -5.60
CA PHE E 128 -1.98 -20.66 -3.80
CA THR E 129 -2.07 -24.45 -3.34
CA THR E 130 -2.06 -25.91 -6.85
CA ASN E 131 -4.50 -28.77 -6.11
CA ILE E 132 -8.16 -28.90 -7.16
CA TRP E 133 -10.08 -31.11 -4.73
CA LEU E 134 -13.14 -32.94 -6.03
CA LYS E 135 -15.75 -35.38 -4.83
CA LEU E 136 -17.87 -37.33 -7.28
CA LYS E 137 -21.34 -35.86 -7.69
CA GLU E 138 -23.86 -37.74 -5.55
CA ARG E 139 -26.60 -36.17 -7.70
CA GLN E 140 -27.10 -36.00 -11.44
CA ASP E 141 -26.70 -32.45 -12.71
CA VAL E 142 -26.76 -30.54 -15.98
CA PHE E 143 -25.62 -27.01 -15.04
CA CYS E 144 -22.00 -25.92 -15.03
CA ASP E 145 -20.51 -25.88 -11.53
CA SER E 146 -21.59 -22.67 -9.79
CA LYS E 147 -18.74 -23.27 -7.34
CA LEU E 148 -16.42 -21.32 -9.67
CA MET E 149 -18.20 -19.01 -12.10
CA SER E 150 -18.81 -15.26 -11.96
CA ALA E 151 -21.10 -12.56 -13.31
CA ALA E 152 -21.10 -8.86 -12.46
CA ILE E 153 -22.22 -5.61 -14.08
CA LYS E 154 -20.36 -2.30 -13.80
CA ASP E 155 -21.73 0.75 -15.62
CA ASN E 156 -20.64 -0.21 -19.14
CA ARG E 157 -19.95 -3.93 -19.05
CA ALA E 158 -21.36 -7.18 -17.70
CA VAL E 159 -19.29 -10.27 -18.45
CA HIS E 160 -20.27 -13.92 -18.11
CA ALA E 161 -17.22 -16.09 -17.75
CA ASP E 162 -15.79 -19.36 -16.47
CA MET E 163 -12.51 -21.19 -17.03
CA GLY E 164 -13.42 -21.68 -20.70
CA TYR E 165 -15.61 -18.69 -21.59
CA TRP E 166 -15.26 -14.92 -21.32
CA ILE E 167 -18.61 -13.87 -22.76
CA GLU E 168 -18.91 -10.09 -22.48
CA SER E 169 -21.48 -7.33 -22.77
CA ALA E 170 -20.79 -3.65 -23.42
CA LEU E 171 -22.69 -0.36 -23.67
CA ASN E 172 -22.41 1.96 -26.67
CA ASP E 173 -26.13 2.76 -26.90
CA THR E 174 -27.74 -0.46 -25.60
CA TRP E 175 -26.46 -3.53 -23.72
CA LYS E 176 -24.92 -5.96 -26.21
CA ILE E 177 -22.02 -8.36 -26.70
CA GLU E 178 -18.94 -6.96 -28.40
CA LYS E 179 -16.62 -9.96 -28.26
CA ALA E 180 -16.20 -13.40 -26.69
CA SER E 181 -13.23 -15.73 -26.30
CA PHE E 182 -13.34 -19.52 -26.48
CA ILE E 183 -10.53 -21.76 -25.27
CA GLU E 184 -13.02 -24.62 -25.02
CA VAL E 185 -16.66 -25.34 -25.90
CA LYS E 186 -18.49 -27.15 -23.08
CA SER E 187 -22.07 -28.42 -23.28
CA CYS E 188 -23.25 -27.67 -19.74
CA HIS E 189 -26.10 -25.18 -19.45
CA TRP E 190 -25.40 -22.03 -17.48
CA PRO E 191 -27.39 -21.97 -14.20
CA LYS E 192 -29.40 -18.90 -13.22
CA SER E 193 -27.19 -18.66 -10.11
CA HIS E 194 -24.80 -16.38 -12.03
CA THR E 195 -27.02 -14.75 -14.69
CA LEU E 196 -27.37 -10.99 -14.99
CA TRP E 197 -30.58 -9.47 -16.39
CA SER E 198 -31.95 -13.03 -16.76
CA ASN E 199 -35.51 -11.89 -17.42
CA GLY E 200 -37.04 -11.83 -20.87
CA VAL E 201 -34.23 -13.91 -22.38
CA LEU E 202 -34.67 -14.23 -26.14
CA GLU E 203 -33.08 -17.30 -27.73
CA SER E 204 -33.59 -15.66 -31.15
CA GLU E 205 -31.22 -12.86 -30.17
CA MET E 206 -29.02 -14.80 -27.75
CA ILE E 207 -25.84 -15.14 -29.82
CA ILE E 208 -24.33 -18.23 -28.18
CA PRO E 209 -26.71 -21.19 -27.83
CA LYS E 210 -27.31 -22.06 -24.20
CA ASN E 211 -26.33 -25.60 -25.22
CA PHE E 212 -22.79 -24.20 -25.59
CA ALA E 213 -22.78 -22.82 -22.01
CA GLY E 214 -24.37 -19.59 -23.18
CA PRO E 215 -25.43 -17.29 -20.36
CA VAL E 216 -29.18 -17.09 -19.85
CA SER E 217 -29.47 -13.31 -20.21
CA GLN E 218 -30.14 -10.50 -22.68
CA HIS E 219 -26.52 -9.24 -22.63
CA ASN E 220 -25.59 -11.70 -25.41
CA TYR E 221 -27.98 -10.25 -28.02
CA ARG E 222 -27.59 -8.20 -31.19
CA PRO E 223 -30.35 -6.51 -33.24
CA GLY E 224 -30.76 -8.49 -36.44
CA TYR E 225 -28.57 -11.30 -35.09
CA HIS E 226 -29.94 -14.53 -33.65
CA THR E 227 -28.65 -17.77 -32.16
CA GLN E 228 -25.44 -19.10 -33.72
CA THR E 229 -26.65 -22.70 -33.61
CA ALA E 230 -24.16 -24.31 -36.02
CA GLY E 231 -21.40 -21.76 -36.57
CA PRO E 232 -17.70 -22.60 -36.38
CA TRP E 233 -18.28 -24.29 -33.03
CA HIS E 234 -16.25 -27.26 -34.28
CA LEU E 235 -13.16 -25.20 -33.46
CA GLY E 236 -11.89 -25.05 -29.90
CA ARG E 237 -10.99 -21.40 -30.47
CA LEU E 238 -13.43 -18.69 -31.52
CA GLU E 239 -12.94 -14.93 -31.16
CA MET E 240 -16.31 -13.32 -31.88
CA ASP E 241 -15.65 -9.63 -32.40
CA PHE E 242 -17.76 -7.06 -34.23
CA ASP E 243 -15.78 -6.02 -37.32
CA PHE E 244 -15.00 -7.30 -40.78
CA CYS E 245 -12.66 -10.20 -41.36
CA GLU E 246 -9.46 -8.68 -42.71
CA GLY E 247 -9.64 -8.04 -46.44
CA THR E 248 -13.45 -8.44 -46.43
CA THR E 249 -16.51 -6.21 -46.25
CA VAL E 250 -20.00 -6.93 -44.91
CA VAL E 251 -22.78 -4.78 -46.36
CA VAL E 252 -26.38 -4.69 -45.13
CA THR E 253 -28.08 -6.81 -47.77
CA GLU E 254 -31.65 -8.11 -47.90
CA ASP E 255 -31.27 -9.93 -51.23
CA CYS E 256 -28.38 -11.83 -49.65
CA GLY E 257 -28.84 -15.52 -48.95
CA ASN E 258 -30.54 -16.62 -45.75
CA ARG E 259 -28.75 -17.53 -42.55
CA GLY E 260 -27.23 -20.98 -42.87
CA PRO E 261 -24.29 -22.95 -41.46
CA SER E 262 -21.34 -20.63 -41.01
CA LEU E 263 -18.81 -20.08 -43.80
CA ARG E 264 -15.21 -19.10 -43.12
CA THR E 265 -13.69 -16.14 -44.94
CA THR E 266 -11.18 -18.67 -46.31
CA THR E 267 -12.76 -21.39 -48.42
CA ALA E 268 -11.58 -24.97 -48.73
CA SER E 269 -8.99 -23.83 -51.28
CA GLY E 270 -7.96 -20.93 -49.05
CA LYS E 271 -8.99 -17.86 -51.07
CA LEU E 272 -10.58 -14.82 -49.46
CA ILE E 273 -14.26 -13.94 -49.76
CA THR E 274 -13.91 -10.35 -50.93
CA GLU E 275 -17.52 -9.33 -50.29
CA TRP E 276 -19.85 -10.64 -47.59
CA CYS E 277 -23.57 -9.92 -47.51
CA CYS E 278 -25.58 -9.88 -44.31
CA ARG E 279 -29.34 -10.28 -44.25
CA SER E 280 -29.86 -8.32 -41.02
CA CYS E 281 -26.43 -7.60 -39.55
CA THR E 282 -25.39 -4.46 -37.69
CA LEU E 283 -22.13 -2.98 -38.89
CA PRO E 284 -19.57 -3.52 -37.43
CA PRO E 285 -20.77 -7.09 -37.85
CA LEU E 286 -19.93 -10.37 -36.11
CA ARG E 287 -17.07 -12.41 -37.56
CA TYR E 288 -15.35 -15.36 -35.90
CA ARG E 289 -11.60 -15.73 -35.42
CA GLY E 290 -10.47 -19.35 -35.52
CA GLU E 291 -7.38 -21.50 -35.86
CA ASP E 292 -8.61 -22.52 -39.35
CA GLY E 293 -9.38 -18.93 -40.35
CA CYS E 294 -11.88 -16.09 -39.89
CA TRP E 295 -15.49 -17.25 -39.93
CA TYR E 296 -18.69 -15.20 -40.26
CA GLY E 297 -22.06 -15.46 -38.55
CA MET E 298 -25.43 -16.81 -39.62
CA GLU E 299 -26.94 -13.67 -41.19
CA ILE E 300 -23.66 -12.94 -43.04
CA ARG E 301 -23.10 -14.82 -46.29
CA PRO E 302 -20.73 -14.25 -49.21
CA LEU E 303 -22.19 -11.60 -51.50
CA LYS E 304 -22.22 -13.62 -54.72
CA GLU E 305 -20.87 -17.18 -54.38
CA LYS E 306 -23.37 -19.94 -53.62
CA PRO F 1 -33.03 15.11 -11.19
CA GLU F 2 -33.28 16.47 -14.72
CA SER F 3 -34.26 20.10 -15.43
CA PRO F 4 -36.93 21.68 -13.20
CA SER F 5 -38.70 22.69 -16.41
CA LYS F 6 -39.04 18.98 -17.20
CA LEU F 7 -40.48 18.28 -13.74
CA ALA F 8 -42.78 21.29 -14.05
CA SER F 9 -44.10 20.16 -17.43
CA ALA F 10 -44.58 16.66 -16.05
CA ILE F 11 -46.48 17.78 -12.95
CA GLN F 12 -48.87 20.22 -14.63
CA LYS F 13 -49.49 17.99 -17.66
CA ALA F 14 -50.14 15.04 -15.32
CA HIS F 15 -52.52 17.26 -13.35
CA GLU F 16 -54.29 17.82 -16.67
CA GLU F 17 -54.17 13.99 -16.86
CA GLY F 18 -55.78 13.85 -13.41
CA ILE F 19 -52.77 12.96 -11.24
CA CYS F 20 -53.44 14.23 -7.70
CA GLY F 21 -50.39 13.01 -5.80
CA ILE F 22 -47.16 11.04 -5.74
CA ARG F 23 -45.90 8.22 -3.50
CA SER F 24 -42.21 7.58 -2.85
CA VAL F 25 -40.83 4.09 -3.44
CA THR F 26 -37.99 4.65 -0.95
CA ARG F 27 -37.37 6.91 2.04
CA LEU F 28 -34.64 8.92 0.28
CA GLU F 29 -37.00 9.70 -2.60
CA ASN F 30 -39.37 11.41 -0.17
CA LEU F 31 -36.33 13.21 1.22
CA MET F 32 -35.81 14.43 -2.33
CA TRP F 33 -39.47 15.48 -2.34
CA LYS F 34 -39.05 17.47 0.88
CA GLN F 35 -36.04 19.13 -0.77
CA ILE F 36 -37.77 19.81 -4.10
CA THR F 37 -41.54 20.38 -3.71
CA PRO F 38 -41.37 24.14 -2.86
CA GLU F 39 -39.29 24.58 -6.02
CA LEU F 40 -42.00 22.69 -7.90
CA ASN F 41 -44.53 25.15 -6.48
CA HIS F 42 -42.38 28.09 -7.54
CA ILE F 43 -41.90 26.82 -11.09
CA LEU F 44 -45.63 26.01 -11.35
CA THR F 45 -46.41 29.59 -10.36
CA GLU F 46 -43.88 30.76 -12.96
CA ASN F 47 -45.72 28.53 -15.47
CA GLU F 48 -49.19 29.98 -14.71
CA VAL F 49 -50.78 26.58 -14.11
CA LYS F 50 -52.98 26.58 -11.01
CA LEU F 51 -51.42 23.97 -8.73
CA THR F 52 -49.72 23.86 -5.32
CA ILE F 53 -47.53 20.92 -4.25
CA MET F 54 -47.11 19.81 -0.62
CA THR F 55 -44.79 16.97 0.39
CA GLY F 56 -45.16 14.75 3.45
CA ASP F 57 -43.24 12.17 5.46
CA ILE F 58 -42.80 8.45 4.86
CA LYS F 59 -43.34 5.42 7.09
CA GLY F 60 -42.70 1.76 6.32
CA ILE F 61 -44.23 0.10 4.58
CA MET F 62 -43.75 2.65 1.80
CA GLN F 63 -47.06 2.36 -0.05
CA ALA F 64 -46.89 2.03 -3.83
CA GLY F 65 -48.73 4.15 -6.37
CA LYS F 66 -49.98 2.97 -9.77
CA ARG F 67 -49.09 5.72 -12.28
CA SER F 68 -45.65 6.95 -13.34
CA LEU F 69 -44.46 10.25 -14.78
CA ARG F 70 -44.21 9.67 -18.49
CA PRO F 71 -42.94 12.28 -20.98
CA GLN F 72 -44.07 14.56 -22.72
CA PRO F 73 -40.37 15.54 -22.74
CA THR F 74 -41.16 18.89 -24.40
CA GLU F 75 -40.66 20.84 -21.19
CA LEU F 76 -41.70 24.40 -20.43
CA LYS F 77 -39.95 27.44 -21.90
CA TYR F 78 -41.41 29.55 -19.04
CA SER F 79 -38.88 28.21 -16.53
CA TRP F 80 -35.34 28.85 -15.40
CA LYS F 81 -32.47 26.64 -16.59
CA ALA F 82 -30.63 24.79 -13.79
CA TRP F 83 -31.80 23.30 -10.47
CA GLY F 84 -29.99 26.04 -8.59
CA LYS F 85 -32.03 29.23 -8.52
CA ALA F 86 -31.40 31.33 -5.42
CA LYS F 87 -33.61 33.59 -3.31
CA MET F 88 -36.69 31.57 -4.28
CA LEU F 89 -39.98 33.44 -3.91
CA SER F 90 -42.51 31.73 -1.67
CA THR F 91 -45.68 30.41 -3.31
CA GLU F 92 -49.35 30.64 -2.40
CA LEU F 93 -51.91 27.86 -1.99
CA HIS F 94 -54.18 27.09 -4.92
CA ASN F 95 -57.54 25.35 -4.83
CA HIS F 96 -55.77 22.72 -6.94
CA THR F 97 -53.55 20.97 -4.40
CA PHE F 98 -50.97 18.38 -5.47
CA LEU F 99 -49.79 16.22 -2.61
CA ILE F 100 -46.69 14.04 -2.31
CA ASP F 101 -45.93 10.83 -0.39
CA GLY F 102 -47.29 11.00 3.14
CA PRO F 103 -50.25 10.03 5.33
CA GLU F 104 -52.63 10.83 2.46
CA THR F 105 -54.52 7.61 1.67
CA ALA F 106 -57.82 9.41 2.36
CA GLU F 107 -58.03 12.65 0.35
CA CYS F 108 -56.95 10.96 -2.91
CA PRO F 109 -55.81 7.36 -3.51
CA ASN F 110 -52.51 6.31 -5.05
CA THR F 111 -54.37 5.32 -8.24
CA ASN F 112 -54.17 9.00 -9.22
CA ARG F 113 -50.57 9.09 -7.98
CA ALA F 114 -47.11 8.41 -9.37
CA TRP F 115 -44.95 5.38 -8.66
CA ASN F 116 -41.48 4.42 -9.95
CA SER F 117 -41.41 7.65 -11.93
CA LEU F 118 -37.69 8.45 -11.85
CA GLU F 119 -34.56 6.78 -13.20
CA VAL F 120 -31.09 7.37 -11.84
CA GLU F 121 -29.13 9.07 -14.61
CA ASP F 122 -26.82 7.07 -16.85
CA TYR F 123 -23.82 8.54 -15.03
CA GLY F 124 -25.73 9.63 -11.93
CA PHE F 125 -23.95 7.31 -9.47
CA GLY F 126 -21.30 9.55 -7.92
CA VAL F 127 -19.92 8.52 -4.54
CA PHE F 128 -17.40 11.33 -4.02
CA THR F 129 -19.78 13.95 -5.47
CA THR F 130 -22.80 13.99 -3.16
CA ASN F 131 -25.43 14.42 -5.90
CA ILE F 132 -27.74 11.70 -7.22
CA TRP F 133 -28.73 12.52 -10.80
CA LEU F 134 -32.09 11.29 -12.04
CA LYS F 135 -34.25 11.45 -15.14
CA LEU F 136 -37.94 10.64 -14.98
CA LYS F 137 -38.71 7.16 -16.25
CA GLU F 138 -39.89 7.25 -19.86
CA ARG F 139 -41.26 3.72 -19.33
CA GLN F 140 -43.51 2.26 -16.68
CA ASP F 141 -41.63 -0.19 -14.50
CA VAL F 142 -42.20 -2.41 -11.48
CA PHE F 143 -38.73 -3.73 -10.59
CA CYS F 144 -36.36 -1.98 -8.23
CA ASP F 145 -33.67 -0.03 -10.06
CA SER F 146 -30.95 -2.45 -11.15
CA LYS F 147 -28.67 0.58 -11.58
CA LEU F 148 -27.64 0.23 -7.91
CA MET F 149 -28.23 -3.20 -6.42
CA SER F 150 -25.85 -6.11 -5.85
CA ALA F 151 -25.78 -9.87 -5.38
CA ALA F 152 -22.75 -12.12 -5.01
CA ILE F 153 -21.94 -15.51 -3.51
CA LYS F 154 -18.68 -16.38 -1.76
CA ASP F 155 -18.23 -19.87 -0.29
CA ASN F 156 -20.42 -19.43 2.78
CA ARG F 157 -22.63 -16.43 2.08
CA ALA F 158 -24.71 -14.85 -0.66
CA VAL F 159 -26.35 -11.55 0.28
CA HIS F 160 -29.11 -9.70 -1.57
CA ALA F 161 -29.03 -6.03 -0.71
CA ASP F 162 -29.91 -2.50 -1.76
CA MET F 163 -30.02 0.85 0.04
CA GLY F 164 -32.87 -0.46 2.22
CA TYR F 165 -32.32 -4.21 2.48
CA TRP F 166 -29.39 -6.42 3.50
CA ILE F 167 -31.00 -9.83 2.99
CA GLU F 168 -28.37 -12.50 3.64
CA SER F 169 -27.78 -16.21 3.15
CA ALA F 170 -25.31 -18.38 5.05
CA LEU F 171 -24.04 -21.97 5.07
CA ASN F 172 -24.04 -24.14 8.19
CA ASP F 173 -25.28 -27.31 6.46
CA THR F 174 -27.46 -25.90 3.65
CA TRP F 175 -27.93 -22.44 2.08
CA LYS F 176 -30.34 -20.43 4.23
CA ILE F 177 -30.99 -16.96 5.59
CA GLU F 178 -29.62 -16.23 9.06
CA LYS F 179 -30.58 -12.58 9.46
CA ALA F 180 -31.85 -9.55 7.54
CA SER F 181 -31.90 -5.83 8.30
CA PHE F 182 -34.67 -3.41 7.34
CA ILE F 183 -34.26 0.36 7.39
CA GLU F 184 -37.20 0.64 4.98
CA VAL F 185 -39.82 -1.63 3.39
CA LYS F 186 -40.26 -0.91 -0.33
CA SER F 187 -42.85 -2.58 -2.57
CA CYS F 188 -40.82 -2.94 -5.78
CA HIS F 189 -40.21 -6.49 -6.96
CA TRP F 190 -36.60 -7.60 -7.21
CA PRO F 191 -35.57 -8.12 -10.86
CA LYS F 192 -33.79 -11.31 -11.93
CA SER F 193 -30.86 -9.10 -13.01
CA HIS F 194 -29.32 -9.51 -9.53
CA THR F 195 -30.72 -12.84 -8.29
CA LEU F 196 -28.46 -15.70 -7.23
CA TRP F 197 -29.65 -19.31 -7.57
CA SER F 198 -32.91 -17.96 -9.04
CA ASN F 199 -34.09 -21.36 -10.25
CA GLY F 200 -36.70 -23.39 -8.45
CA VAL F 201 -37.75 -20.47 -6.24
CA LEU F 202 -40.33 -21.57 -3.66
CA GLU F 203 -42.65 -18.85 -2.38
CA SER F 204 -43.70 -21.23 0.42
CA GLU F 205 -40.17 -21.20 1.79
CA MET F 206 -39.13 -17.74 0.65
CA ILE F 207 -39.13 -15.88 3.97
CA ILE F 208 -39.65 -12.31 2.72
CA PRO F 209 -42.55 -11.88 0.27
CA LYS F 210 -41.32 -10.71 -3.11
CA ASN F 211 -43.91 -7.94 -2.74
CA PHE F 212 -41.59 -6.54 -0.04
CA ALA F 213 -38.58 -6.48 -2.42
CA GLY F 214 -37.74 -10.07 -1.54
CA PRO F 215 -35.00 -11.59 -3.71
CA VAL F 216 -36.24 -14.18 -6.19
CA SER F 217 -33.98 -17.00 -5.03
CA GLN F 218 -33.75 -20.02 -2.74
CA HIS F 219 -31.26 -18.36 -0.35
CA ASN F 220 -34.13 -16.81 1.65
CA TYR F 221 -35.69 -20.15 2.70
CA ARG F 222 -35.92 -22.12 5.93
CA PRO F 223 -37.16 -25.70 6.41
CA GLY F 224 -40.55 -25.54 8.11
CA TYR F 225 -40.73 -21.76 7.53
CA HIS F 226 -42.73 -20.14 4.75
CA THR F 227 -43.54 -16.68 3.45
CA GLN F 228 -43.91 -14.00 6.12
CA THR F 229 -46.86 -12.38 4.37
CA ALA F 230 -48.25 -10.24 7.21
CA GLY F 231 -45.58 -10.20 9.91
CA PRO F 232 -44.41 -7.03 11.66
CA TRP F 233 -43.90 -5.39 8.26
CA HIS F 234 -45.76 -2.33 9.58
CA LEU F 235 -42.50 -1.37 11.27
CA GLY F 236 -39.79 0.37 9.28
CA ARG F 237 -37.20 -1.61 11.25
CA LEU F 238 -37.03 -5.40 11.40
CA GLU F 239 -34.02 -7.50 12.44
CA MET F 240 -34.82 -11.10 11.51
CA ASP F 241 -32.29 -13.25 13.31
CA PHE F 242 -32.50 -16.94 14.21
CA ASP F 243 -32.68 -17.11 18.02
CA PHE F 244 -35.20 -16.65 20.79
CA CYS F 245 -36.49 -13.24 21.78
CA GLU F 246 -34.79 -12.43 25.08
CA GLY F 247 -36.57 -14.00 28.03
CA THR F 248 -38.53 -16.34 25.73
CA THR F 249 -38.26 -19.90 24.45
CA VAL F 250 -39.53 -21.46 21.22
CA VAL F 251 -40.12 -25.22 21.36
CA VAL F 252 -40.97 -27.43 18.36
CA THR F 253 -44.69 -27.88 18.85
CA GLU F 254 -47.25 -29.51 16.55
CA ASP F 255 -50.24 -28.93 18.84
CA CYS F 256 -49.36 -25.23 18.76
CA GLY F 257 -51.70 -22.88 16.94
CA ASN F 258 -51.38 -22.45 13.19
CA ARG F 259 -49.37 -19.73 11.49
CA GLY F 260 -51.25 -16.45 11.66
CA PRO F 261 -50.49 -12.73 11.70
CA SER F 262 -47.33 -12.13 13.69
CA LEU F 263 -47.42 -11.50 17.44
CA ARG F 264 -44.75 -9.50 19.24
CA THR F 265 -43.08 -10.93 22.34
CA THR F 266 -44.49 -7.87 24.13
CA THR F 267 -48.27 -7.71 24.11
CA ALA F 268 -50.40 -4.57 24.06
CA SER F 269 -49.91 -4.24 27.81
CA GLY F 270 -46.18 -4.88 27.47
CA LYS F 271 -45.69 -8.20 29.28
CA LEU F 272 -43.38 -10.90 27.97
CA ILE F 273 -44.59 -14.11 26.35
CA THR F 274 -42.63 -16.59 28.43
CA GLU F 275 -43.17 -19.60 26.14
CA TRP F 276 -43.57 -19.59 22.37
CA CYS F 277 -44.68 -22.63 20.38
CA CYS F 278 -43.70 -23.16 16.76
CA ARG F 279 -45.63 -25.47 14.45
CA SER F 280 -42.66 -26.28 12.20
CA CYS F 281 -39.80 -23.99 13.23
CA THR F 282 -36.10 -24.88 13.24
CA LEU F 283 -34.32 -23.95 16.44
CA PRO F 284 -32.71 -21.42 16.63
CA PRO F 285 -35.95 -19.96 15.28
CA LEU F 286 -36.82 -16.72 13.52
CA ARG F 287 -37.78 -13.76 15.72
CA TYR F 288 -38.10 -10.15 14.61
CA ARG F 289 -36.42 -7.19 16.28
CA GLY F 290 -38.45 -4.01 16.01
CA GLU F 291 -38.76 -0.52 17.45
CA ASP F 292 -42.00 -1.62 19.16
CA GLY F 293 -40.45 -4.84 20.48
CA CYS F 294 -39.35 -8.34 19.47
CA TRP F 295 -41.78 -10.07 17.13
CA TYR F 296 -41.99 -13.74 16.11
CA GLY F 297 -42.69 -15.44 12.79
CA MET F 298 -45.72 -17.13 11.33
CA GLU F 299 -45.12 -20.70 12.54
CA ILE F 300 -44.23 -19.43 16.03
CA ARG F 301 -47.13 -18.67 18.35
CA PRO F 302 -47.36 -18.22 22.13
CA LEU F 303 -47.50 -21.62 23.79
CA LYS F 304 -50.75 -21.15 25.71
CA GLU F 305 -52.41 -17.75 25.24
CA LYS F 306 -54.97 -17.40 22.47
#